data_7H2F
#
_entry.id   7H2F
#
_cell.length_a   42.723
_cell.length_b   42.723
_cell.length_c   216.546
_cell.angle_alpha   90.00
_cell.angle_beta   90.00
_cell.angle_gamma   90.00
#
_symmetry.space_group_name_H-M   'P 43 2 2'
#
loop_
_entity.id
_entity.type
_entity.pdbx_description
1 polymer 'Serine protease subunit NS2B'
2 polymer 'Serine protease NS3'
3 non-polymer 'DIMETHYL SULFOXIDE'
4 non-polymer N-(piperidin-4-yl)methanesulfonamide
5 non-polymer 'SULFATE ION'
6 water water
#
loop_
_entity_poly.entity_id
_entity_poly.type
_entity_poly.pdbx_seq_one_letter_code
_entity_poly.pdbx_strand_id
1 'polypeptide(L)' SMGKSVDMYIERAGDITWEKDAEVTGNSPRLDVALDESGDFSLVEE A
2 'polypeptide(L)'
;MKEVKKGETTDGVYRVMTRRLLGSTQVGVGVMQEGVFHTMWHVTKGAALRSGEGRLDPYWGDVKQDLVSYCGPWKLDAAW
DGLSEVQLLAVPPGERAKNIQTLPGIFKTKDGDIGAVALDYPAGTSGSPILDKCGRVIGLYGNGVVIKNGSYVSAITQGK
REEETPVE
;
B
#
loop_
_chem_comp.id
_chem_comp.type
_chem_comp.name
_chem_comp.formula
A1AJ6 non-polymer N-(piperidin-4-yl)methanesulfonamide 'C6 H14 N2 O2 S'
DMS non-polymer 'DIMETHYL SULFOXIDE' 'C2 H6 O S'
SO4 non-polymer 'SULFATE ION' 'O4 S -2'
#
# COMPACT_ATOMS: atom_id res chain seq x y z
N ASP A 7 -10.51 15.15 -10.38
CA ASP A 7 -11.28 13.95 -10.67
C ASP A 7 -10.36 12.73 -10.88
N MET A 8 -10.25 11.95 -9.85
CA MET A 8 -9.36 10.80 -9.85
C MET A 8 -9.94 9.62 -10.56
N TYR A 9 -9.09 8.86 -11.27
CA TYR A 9 -9.51 7.69 -12.02
C TYR A 9 -8.52 6.57 -11.86
N ILE A 10 -8.98 5.33 -12.04
CA ILE A 10 -8.08 4.18 -11.89
C ILE A 10 -7.84 3.46 -13.23
N GLU A 11 -6.62 2.85 -13.34
CA GLU A 11 -6.23 2.16 -14.57
C GLU A 11 -5.53 0.87 -14.14
N ARG A 12 -5.93 -0.28 -14.71
CA ARG A 12 -5.32 -1.55 -14.29
C ARG A 12 -3.84 -1.56 -14.63
N ALA A 13 -2.99 -2.08 -13.71
CA ALA A 13 -1.53 -2.18 -13.95
C ALA A 13 -1.01 -3.62 -13.85
N GLY A 14 -1.80 -4.58 -13.39
CA GLY A 14 -1.37 -5.96 -13.38
C GLY A 14 -2.12 -6.89 -12.47
N ASP A 15 -1.74 -8.17 -12.50
CA ASP A 15 -2.25 -9.21 -11.61
C ASP A 15 -1.46 -9.13 -10.33
N ILE A 16 -2.05 -9.66 -9.25
CA ILE A 16 -1.30 -9.75 -7.99
C ILE A 16 -0.80 -11.18 -7.83
N THR A 17 0.48 -11.37 -8.10
CA THR A 17 1.09 -12.70 -8.11
C THR A 17 2.53 -12.60 -7.58
N TRP A 18 3.01 -13.61 -6.88
CA TRP A 18 4.40 -13.70 -6.42
C TRP A 18 5.31 -14.02 -7.62
N GLU A 19 6.48 -13.38 -7.75
CA GLU A 19 7.38 -13.67 -8.89
C GLU A 19 8.54 -14.47 -8.41
N LYS A 20 8.76 -15.66 -9.00
CA LYS A 20 9.90 -16.48 -8.63
C LYS A 20 11.17 -15.80 -9.14
N ASP A 21 12.21 -15.76 -8.31
CA ASP A 21 13.47 -15.12 -8.72
C ASP A 21 13.27 -13.61 -9.02
N ALA A 22 12.49 -12.91 -8.18
CA ALA A 22 12.34 -11.46 -8.31
C ALA A 22 13.65 -10.85 -7.75
N GLU A 23 13.92 -9.54 -8.00
CA GLU A 23 15.11 -8.87 -7.43
C GLU A 23 14.95 -8.83 -5.91
N VAL A 24 15.95 -9.26 -5.15
CA VAL A 24 15.88 -9.31 -3.68
C VAL A 24 16.72 -8.20 -3.03
N THR A 25 16.10 -7.27 -2.24
CA THR A 25 16.89 -6.20 -1.61
C THR A 25 16.22 -5.61 -0.34
N GLY A 26 16.88 -4.65 0.33
CA GLY A 26 16.30 -4.01 1.50
C GLY A 26 16.75 -4.68 2.78
N ASN A 27 16.94 -3.88 3.85
CA ASN A 27 17.34 -4.47 5.11
C ASN A 27 16.07 -4.70 5.98
N SER A 28 16.22 -5.08 7.26
CA SER A 28 15.08 -5.43 8.11
C SER A 28 15.23 -4.73 9.46
N PRO A 29 15.06 -3.40 9.50
CA PRO A 29 15.33 -2.68 10.74
C PRO A 29 14.27 -2.89 11.78
N ARG A 30 14.66 -2.94 13.08
CA ARG A 30 13.71 -3.06 14.18
C ARG A 30 13.70 -1.67 14.84
N LEU A 31 12.58 -0.96 14.73
CA LEU A 31 12.49 0.43 15.16
C LEU A 31 11.39 0.65 16.17
N ASP A 32 11.64 1.50 17.16
CA ASP A 32 10.61 1.88 18.13
C ASP A 32 9.92 3.09 17.51
N VAL A 33 8.60 2.98 17.28
CA VAL A 33 7.87 4.05 16.62
C VAL A 33 6.59 4.40 17.38
N ALA A 34 6.08 5.61 17.11
CA ALA A 34 4.84 6.17 17.66
C ALA A 34 3.91 6.50 16.48
N LEU A 35 2.59 6.31 16.64
CA LEU A 35 1.62 6.59 15.57
C LEU A 35 0.67 7.64 16.15
N ASP A 36 0.57 8.82 15.52
CA ASP A 36 -0.31 9.87 16.07
C ASP A 36 -1.73 9.79 15.50
N GLU A 37 -2.64 10.63 16.01
CA GLU A 37 -4.02 10.66 15.58
C GLU A 37 -4.17 11.01 14.10
N SER A 38 -3.18 11.72 13.49
CA SER A 38 -3.26 12.02 12.07
C SER A 38 -2.69 10.90 11.17
N GLY A 39 -2.33 9.75 11.75
CA GLY A 39 -1.81 8.65 10.95
C GLY A 39 -0.35 8.81 10.57
N ASP A 40 0.38 9.70 11.27
CA ASP A 40 1.80 9.86 10.97
C ASP A 40 2.63 9.00 11.93
N PHE A 41 3.60 8.23 11.39
CA PHE A 41 4.53 7.50 12.22
C PHE A 41 5.73 8.43 12.54
N SER A 42 6.30 8.27 13.73
CA SER A 42 7.50 9.01 14.13
C SER A 42 8.42 8.06 14.91
N LEU A 43 9.74 8.36 14.94
CA LEU A 43 10.70 7.52 15.66
C LEU A 43 10.67 7.88 17.14
N VAL A 44 10.66 6.88 18.01
CA VAL A 44 10.75 7.14 19.45
C VAL A 44 12.23 7.01 19.78
N GLU A 45 12.82 8.06 20.37
CA GLU A 45 14.25 7.99 20.71
C GLU A 45 14.50 8.34 22.17
N GLY B 7 -17.32 0.31 -14.68
CA GLY B 7 -15.97 0.19 -15.20
C GLY B 7 -15.32 -1.18 -15.02
N GLU B 8 -13.97 -1.22 -15.00
CA GLU B 8 -13.24 -2.48 -14.82
C GLU B 8 -13.28 -2.92 -13.36
N THR B 9 -13.77 -4.14 -13.15
N THR B 9 -13.77 -4.14 -13.15
CA THR B 9 -13.90 -4.72 -11.81
CA THR B 9 -13.90 -4.72 -11.81
C THR B 9 -12.99 -5.93 -11.61
C THR B 9 -12.99 -5.93 -11.61
N THR B 10 -12.14 -6.28 -12.60
CA THR B 10 -11.24 -7.41 -12.52
C THR B 10 -10.28 -7.20 -11.37
N ASP B 11 -10.07 -8.23 -10.57
CA ASP B 11 -9.11 -8.23 -9.48
C ASP B 11 -7.72 -7.81 -10.05
N GLY B 12 -6.91 -7.21 -9.22
CA GLY B 12 -5.56 -6.82 -9.61
C GLY B 12 -5.11 -5.53 -8.98
N VAL B 13 -3.96 -5.05 -9.37
CA VAL B 13 -3.37 -3.81 -8.91
C VAL B 13 -3.65 -2.70 -9.95
N TYR B 14 -4.00 -1.49 -9.46
CA TYR B 14 -4.36 -0.38 -10.34
C TYR B 14 -3.63 0.89 -9.92
N ARG B 15 -3.36 1.77 -10.89
CA ARG B 15 -2.80 3.09 -10.60
C ARG B 15 -4.01 4.01 -10.29
N VAL B 16 -3.81 4.97 -9.43
CA VAL B 16 -4.79 6.03 -9.14
C VAL B 16 -4.19 7.30 -9.74
N MET B 17 -4.89 7.87 -10.72
CA MET B 17 -4.45 9.01 -11.51
C MET B 17 -5.32 10.27 -11.33
N THR B 18 -4.76 11.44 -11.63
CA THR B 18 -5.56 12.69 -11.69
C THR B 18 -5.14 13.49 -12.89
N ARG B 19 -6.08 14.26 -13.46
CA ARG B 19 -5.76 15.20 -14.52
C ARG B 19 -5.87 16.67 -14.02
N ARG B 20 -5.98 16.88 -12.70
CA ARG B 20 -6.09 18.24 -12.14
C ARG B 20 -4.79 19.01 -12.33
N LEU B 21 -3.64 18.34 -12.15
CA LEU B 21 -2.33 18.98 -12.26
C LEU B 21 -1.83 18.98 -13.73
N LEU B 22 -0.52 19.16 -13.95
CA LEU B 22 0.05 19.13 -15.28
C LEU B 22 -0.08 17.69 -15.84
N GLY B 23 -0.53 17.55 -17.09
CA GLY B 23 -0.72 16.24 -17.72
C GLY B 23 -1.54 15.25 -16.89
N SER B 24 -1.15 13.97 -16.90
CA SER B 24 -1.87 12.94 -16.12
C SER B 24 -0.87 12.50 -15.09
N THR B 25 -1.22 12.70 -13.84
CA THR B 25 -0.32 12.44 -12.73
C THR B 25 -0.76 11.25 -11.89
N GLN B 26 0.19 10.37 -11.55
CA GLN B 26 -0.13 9.22 -10.70
C GLN B 26 0.01 9.64 -9.23
N VAL B 27 -1.10 9.67 -8.49
CA VAL B 27 -1.04 10.02 -7.06
C VAL B 27 -0.88 8.80 -6.13
N GLY B 28 -1.19 7.61 -6.63
CA GLY B 28 -1.00 6.40 -5.84
C GLY B 28 -1.42 5.14 -6.58
N VAL B 29 -1.64 4.06 -5.83
CA VAL B 29 -1.91 2.71 -6.29
C VAL B 29 -2.94 2.05 -5.37
N GLY B 30 -3.65 1.06 -5.89
CA GLY B 30 -4.58 0.31 -5.05
C GLY B 30 -4.86 -1.10 -5.53
N VAL B 31 -5.63 -1.86 -4.74
CA VAL B 31 -5.99 -3.24 -4.97
C VAL B 31 -7.46 -3.48 -5.15
N MET B 32 -7.84 -4.13 -6.26
CA MET B 32 -9.22 -4.54 -6.50
C MET B 32 -9.30 -6.02 -6.07
N GLN B 33 -10.17 -6.32 -5.10
CA GLN B 33 -10.36 -7.69 -4.66
C GLN B 33 -11.80 -7.86 -4.19
N GLU B 34 -12.50 -8.85 -4.75
CA GLU B 34 -13.91 -9.18 -4.39
C GLU B 34 -14.87 -8.00 -4.60
N GLY B 35 -14.64 -7.22 -5.66
CA GLY B 35 -15.45 -6.07 -6.05
C GLY B 35 -15.22 -4.82 -5.24
N VAL B 36 -14.18 -4.82 -4.38
CA VAL B 36 -13.85 -3.66 -3.53
C VAL B 36 -12.45 -3.11 -3.88
N PHE B 37 -12.33 -1.77 -3.97
CA PHE B 37 -11.07 -1.11 -4.26
C PHE B 37 -10.45 -0.63 -2.95
N HIS B 38 -9.18 -0.96 -2.73
CA HIS B 38 -8.50 -0.71 -1.46
C HIS B 38 -7.31 0.18 -1.72
N THR B 39 -7.17 1.27 -0.97
CA THR B 39 -5.98 2.11 -1.13
C THR B 39 -5.65 2.81 0.18
N MET B 40 -4.61 3.69 0.19
CA MET B 40 -4.34 4.39 1.45
C MET B 40 -5.10 5.69 1.46
N TRP B 41 -5.62 6.10 2.66
CA TRP B 41 -6.39 7.33 2.75
CA TRP B 41 -6.39 7.33 2.76
C TRP B 41 -5.66 8.54 2.15
N HIS B 42 -4.35 8.69 2.41
CA HIS B 42 -3.64 9.89 1.94
C HIS B 42 -3.55 9.99 0.39
N VAL B 43 -3.81 8.88 -0.31
CA VAL B 43 -3.77 8.90 -1.80
C VAL B 43 -5.01 9.66 -2.36
N THR B 44 -6.21 9.32 -1.85
CA THR B 44 -7.45 9.91 -2.37
C THR B 44 -8.09 10.96 -1.49
N LYS B 45 -7.66 11.04 -0.24
CA LYS B 45 -8.27 11.91 0.80
C LYS B 45 -9.80 11.59 0.93
N GLY B 46 -10.19 10.37 0.59
CA GLY B 46 -11.57 9.91 0.66
C GLY B 46 -12.46 10.39 -0.47
N ALA B 47 -11.89 10.91 -1.58
CA ALA B 47 -12.73 11.40 -2.70
C ALA B 47 -13.28 10.22 -3.55
N ALA B 48 -14.36 10.45 -4.32
CA ALA B 48 -14.85 9.46 -5.26
C ALA B 48 -13.83 9.23 -6.40
N LEU B 49 -13.87 8.06 -7.03
CA LEU B 49 -12.98 7.69 -8.12
C LEU B 49 -13.80 7.28 -9.35
N ARG B 50 -13.20 7.38 -10.51
CA ARG B 50 -13.80 6.98 -11.76
C ARG B 50 -13.08 5.72 -12.26
N SER B 51 -13.81 4.80 -12.91
CA SER B 51 -13.23 3.62 -13.53
C SER B 51 -13.95 3.55 -14.87
N GLY B 52 -13.37 4.09 -15.92
CA GLY B 52 -14.04 4.18 -17.22
C GLY B 52 -15.23 5.11 -17.12
N GLU B 53 -16.44 4.64 -17.44
CA GLU B 53 -17.66 5.44 -17.28
C GLU B 53 -18.29 5.31 -15.88
N GLY B 54 -17.83 4.36 -15.06
CA GLY B 54 -18.38 4.10 -13.73
C GLY B 54 -17.76 4.89 -12.60
N ARG B 55 -18.51 5.03 -11.51
CA ARG B 55 -18.08 5.77 -10.31
C ARG B 55 -17.86 4.79 -9.12
N LEU B 56 -16.78 4.98 -8.37
CA LEU B 56 -16.52 4.19 -7.19
C LEU B 56 -16.67 5.15 -6.03
N ASP B 57 -17.60 4.86 -5.12
CA ASP B 57 -17.81 5.72 -3.97
C ASP B 57 -17.12 5.14 -2.74
N PRO B 58 -16.58 5.99 -1.85
CA PRO B 58 -15.98 5.47 -0.60
C PRO B 58 -17.03 4.79 0.25
N TYR B 59 -16.59 3.75 0.95
CA TYR B 59 -17.46 2.96 1.80
C TYR B 59 -16.95 2.91 3.24
N TRP B 60 -15.67 2.83 3.45
CA TRP B 60 -15.09 2.83 4.78
C TRP B 60 -13.74 3.56 4.69
N GLY B 61 -13.35 4.25 5.75
CA GLY B 61 -12.02 4.85 5.80
C GLY B 61 -11.65 5.28 7.19
N ASP B 62 -10.34 5.43 7.41
CA ASP B 62 -9.83 5.78 8.71
C ASP B 62 -8.49 6.49 8.55
N VAL B 63 -8.41 7.76 8.92
CA VAL B 63 -7.17 8.56 8.78
C VAL B 63 -6.00 8.00 9.59
N LYS B 64 -6.28 7.51 10.81
CA LYS B 64 -5.18 7.03 11.68
C LYS B 64 -4.56 5.72 11.13
N GLN B 65 -5.45 4.80 10.64
CA GLN B 65 -4.95 3.60 9.95
C GLN B 65 -4.38 3.96 8.57
N ASP B 66 -4.78 5.10 8.02
CA ASP B 66 -4.41 5.56 6.68
C ASP B 66 -4.89 4.59 5.59
N LEU B 67 -6.15 4.15 5.72
CA LEU B 67 -6.74 3.23 4.76
C LEU B 67 -8.12 3.66 4.31
N VAL B 68 -8.55 3.19 3.14
CA VAL B 68 -9.89 3.50 2.59
C VAL B 68 -10.30 2.38 1.66
N SER B 69 -11.58 2.05 1.67
CA SER B 69 -12.16 1.07 0.76
C SER B 69 -13.34 1.73 0.00
N TYR B 70 -13.56 1.24 -1.22
CA TYR B 70 -14.60 1.75 -2.14
C TYR B 70 -15.48 0.56 -2.58
N CYS B 71 -16.81 0.80 -2.72
CA CYS B 71 -17.85 -0.18 -3.17
C CYS B 71 -18.22 -1.22 -2.15
N GLY B 72 -17.45 -1.35 -1.10
CA GLY B 72 -17.77 -2.34 -0.05
C GLY B 72 -16.74 -2.28 1.06
N PRO B 73 -16.92 -3.15 2.06
CA PRO B 73 -16.02 -3.16 3.22
C PRO B 73 -14.65 -3.73 2.89
N TRP B 74 -13.67 -3.39 3.73
CA TRP B 74 -12.27 -3.86 3.56
C TRP B 74 -12.24 -5.39 3.48
N LYS B 75 -11.62 -5.96 2.45
CA LYS B 75 -11.66 -7.42 2.20
C LYS B 75 -10.34 -8.12 2.51
N LEU B 76 -9.23 -7.38 2.62
CA LEU B 76 -7.89 -7.96 2.74
C LEU B 76 -7.60 -8.30 4.20
N ASP B 77 -7.29 -9.60 4.44
CA ASP B 77 -7.06 -9.99 5.85
C ASP B 77 -5.83 -10.86 6.08
N ALA B 78 -5.04 -11.10 5.03
CA ALA B 78 -3.81 -11.87 5.23
C ALA B 78 -2.81 -11.06 6.07
N ALA B 79 -1.96 -11.79 6.81
CA ALA B 79 -1.00 -11.15 7.67
C ALA B 79 0.40 -11.69 7.45
N TRP B 80 1.41 -10.82 7.63
CA TRP B 80 2.81 -11.30 7.56
C TRP B 80 3.04 -12.34 8.69
N ASP B 81 3.72 -13.46 8.33
CA ASP B 81 4.01 -14.49 9.33
C ASP B 81 5.11 -14.12 10.34
N GLY B 82 5.78 -12.99 10.16
CA GLY B 82 6.86 -12.57 11.08
C GLY B 82 8.20 -13.28 10.86
N LEU B 83 8.29 -14.15 9.87
CA LEU B 83 9.51 -14.93 9.63
C LEU B 83 10.03 -14.84 8.19
N SER B 84 9.12 -14.87 7.20
CA SER B 84 9.47 -15.01 5.77
C SER B 84 9.63 -13.75 4.98
N GLU B 85 10.34 -13.83 3.87
CA GLU B 85 10.45 -12.73 2.93
C GLU B 85 9.07 -12.51 2.26
N VAL B 86 8.82 -11.28 1.86
CA VAL B 86 7.58 -10.89 1.16
C VAL B 86 8.00 -10.16 -0.11
N GLN B 87 7.03 -9.80 -0.96
CA GLN B 87 7.31 -9.03 -2.13
C GLN B 87 6.46 -7.78 -2.15
N LEU B 88 7.09 -6.66 -2.43
CA LEU B 88 6.40 -5.45 -2.74
C LEU B 88 6.10 -5.48 -4.26
N LEU B 89 4.84 -5.32 -4.64
CA LEU B 89 4.48 -5.23 -6.04
C LEU B 89 4.39 -3.75 -6.32
N ALA B 90 5.55 -3.16 -6.51
CA ALA B 90 5.68 -1.73 -6.75
C ALA B 90 5.12 -1.36 -8.12
N VAL B 91 4.28 -0.33 -8.13
CA VAL B 91 3.74 0.23 -9.34
C VAL B 91 4.15 1.71 -9.42
N PRO B 92 5.40 2.03 -9.82
CA PRO B 92 5.84 3.44 -9.86
C PRO B 92 5.25 4.27 -10.99
N PRO B 93 5.19 5.60 -10.81
CA PRO B 93 4.59 6.45 -11.84
C PRO B 93 5.28 6.30 -13.20
N GLY B 94 4.50 6.03 -14.26
CA GLY B 94 5.02 5.89 -15.62
C GLY B 94 5.88 4.67 -15.88
N GLU B 95 5.89 3.72 -14.94
CA GLU B 95 6.75 2.53 -15.04
C GLU B 95 5.95 1.22 -14.85
N ARG B 96 6.43 0.11 -15.41
CA ARG B 96 5.76 -1.19 -15.29
C ARG B 96 5.73 -1.71 -13.86
N ALA B 97 4.64 -2.46 -13.48
CA ALA B 97 4.56 -3.13 -12.16
C ALA B 97 5.77 -4.08 -12.05
N LYS B 98 6.42 -4.07 -10.88
CA LYS B 98 7.63 -4.84 -10.65
C LYS B 98 7.64 -5.38 -9.24
N ASN B 99 8.02 -6.67 -9.08
CA ASN B 99 8.14 -7.31 -7.78
C ASN B 99 9.51 -7.16 -7.18
N ILE B 100 9.55 -6.75 -5.93
CA ILE B 100 10.78 -6.60 -5.15
C ILE B 100 10.66 -7.44 -3.89
N GLN B 101 11.59 -8.38 -3.68
CA GLN B 101 11.54 -9.28 -2.56
C GLN B 101 12.39 -8.77 -1.41
N THR B 102 11.90 -8.88 -0.17
CA THR B 102 12.63 -8.35 0.97
C THR B 102 12.22 -9.07 2.24
N LEU B 103 13.09 -9.07 3.26
CA LEU B 103 12.70 -9.57 4.58
C LEU B 103 12.28 -8.36 5.40
N PRO B 104 10.99 -8.31 5.86
CA PRO B 104 10.57 -7.15 6.63
C PRO B 104 11.30 -7.03 7.93
N GLY B 105 11.41 -5.79 8.38
CA GLY B 105 11.81 -5.39 9.73
C GLY B 105 10.53 -5.23 10.53
N ILE B 106 10.64 -4.59 11.69
CA ILE B 106 9.51 -4.43 12.59
C ILE B 106 9.36 -3.01 13.08
N PHE B 107 8.14 -2.49 13.14
CA PHE B 107 7.84 -1.25 13.87
C PHE B 107 7.33 -1.73 15.24
N LYS B 108 8.01 -1.36 16.35
CA LYS B 108 7.55 -1.70 17.71
C LYS B 108 6.79 -0.51 18.25
N THR B 109 5.51 -0.67 18.56
CA THR B 109 4.74 0.45 19.12
C THR B 109 4.16 0.07 20.52
N LYS B 110 3.63 1.06 21.23
CA LYS B 110 2.98 0.79 22.52
C LYS B 110 1.76 -0.15 22.38
N ASP B 111 1.21 -0.28 21.18
CA ASP B 111 0.06 -1.12 20.92
C ASP B 111 0.40 -2.39 20.13
N GLY B 112 1.66 -2.78 20.09
CA GLY B 112 2.06 -3.97 19.37
C GLY B 112 2.99 -3.72 18.21
N ASP B 113 3.51 -4.80 17.67
CA ASP B 113 4.47 -4.78 16.60
C ASP B 113 3.80 -4.97 15.23
N ILE B 114 4.36 -4.31 14.21
CA ILE B 114 3.86 -4.31 12.83
C ILE B 114 5.09 -4.59 11.94
N GLY B 115 4.95 -5.37 10.87
CA GLY B 115 6.04 -5.56 9.92
C GLY B 115 6.30 -4.24 9.19
N ALA B 116 7.49 -4.05 8.68
CA ALA B 116 7.89 -2.85 7.95
C ALA B 116 8.83 -3.24 6.83
N VAL B 117 8.73 -2.56 5.68
N VAL B 117 8.76 -2.53 5.71
N VAL B 117 8.73 -2.56 5.68
N VAL B 117 8.76 -2.53 5.71
CA VAL B 117 9.63 -2.83 4.56
CA VAL B 117 9.54 -2.80 4.51
CA VAL B 117 9.63 -2.83 4.56
CA VAL B 117 9.54 -2.80 4.51
C VAL B 117 10.52 -1.63 4.28
C VAL B 117 10.49 -1.63 4.17
C VAL B 117 10.52 -1.63 4.28
C VAL B 117 10.49 -1.63 4.17
N ALA B 118 11.83 -1.89 4.17
CA ALA B 118 12.80 -0.83 3.93
C ALA B 118 13.12 -0.66 2.47
N LEU B 119 12.14 -0.14 1.69
CA LEU B 119 12.22 0.10 0.25
C LEU B 119 11.72 1.52 -0.02
N ASP B 120 12.40 2.25 -0.92
CA ASP B 120 12.09 3.67 -1.18
C ASP B 120 11.68 3.91 -2.63
N TYR B 121 10.41 4.24 -2.84
CA TYR B 121 9.84 4.53 -4.15
C TYR B 121 9.21 5.93 -4.22
N PRO B 122 8.99 6.51 -5.43
CA PRO B 122 8.32 7.84 -5.52
C PRO B 122 6.95 7.87 -4.82
N ALA B 123 6.49 9.07 -4.28
CA ALA B 123 5.26 9.18 -3.47
C ALA B 123 4.00 8.55 -4.12
N GLY B 124 3.91 8.68 -5.43
CA GLY B 124 2.83 8.10 -6.23
C GLY B 124 2.80 6.59 -6.24
N THR B 125 3.73 5.93 -5.51
CA THR B 125 3.75 4.47 -5.35
C THR B 125 2.92 3.99 -4.12
N SER B 126 2.52 4.91 -3.27
CA SER B 126 1.71 4.58 -2.08
C SER B 126 0.45 3.82 -2.45
N GLY B 127 0.13 2.75 -1.68
CA GLY B 127 -1.01 1.89 -1.99
C GLY B 127 -0.57 0.61 -2.68
N SER B 128 0.75 0.55 -3.11
CA SER B 128 1.19 -0.69 -3.77
C SER B 128 1.09 -1.84 -2.75
N PRO B 129 0.66 -3.03 -3.23
CA PRO B 129 0.48 -4.13 -2.29
C PRO B 129 1.74 -4.89 -1.93
N ILE B 130 1.79 -5.36 -0.69
CA ILE B 130 2.87 -6.24 -0.20
C ILE B 130 2.22 -7.63 -0.13
N LEU B 131 2.88 -8.65 -0.69
CA LEU B 131 2.31 -9.99 -0.78
C LEU B 131 3.15 -11.06 -0.09
N ASP B 132 2.46 -12.11 0.34
CA ASP B 132 3.17 -13.29 0.85
C ASP B 132 3.46 -14.25 -0.30
N LYS B 133 4.09 -15.40 0.01
CA LYS B 133 4.46 -16.39 -1.01
C LYS B 133 3.27 -17.04 -1.72
N CYS B 134 2.07 -16.92 -1.14
CA CYS B 134 0.86 -17.41 -1.81
C CYS B 134 0.14 -16.36 -2.66
N GLY B 135 0.73 -15.17 -2.77
CA GLY B 135 0.15 -14.09 -3.55
C GLY B 135 -0.96 -13.36 -2.80
N ARG B 136 -1.08 -13.57 -1.48
CA ARG B 136 -2.12 -12.85 -0.70
C ARG B 136 -1.62 -11.50 -0.27
N VAL B 137 -2.50 -10.48 -0.28
CA VAL B 137 -2.05 -9.15 0.08
C VAL B 137 -2.04 -9.02 1.58
N ILE B 138 -0.86 -8.86 2.16
CA ILE B 138 -0.70 -8.74 3.63
C ILE B 138 -0.70 -7.31 4.13
N GLY B 139 -0.82 -6.35 3.21
CA GLY B 139 -0.89 -4.94 3.54
C GLY B 139 -0.51 -4.06 2.37
N LEU B 140 -0.61 -2.74 2.57
CA LEU B 140 -0.27 -1.74 1.55
C LEU B 140 0.97 -0.91 1.97
N TYR B 141 1.81 -0.56 0.98
CA TYR B 141 3.03 0.20 1.21
C TYR B 141 2.77 1.68 1.10
N GLY B 142 3.43 2.51 1.90
CA GLY B 142 3.34 3.95 1.67
C GLY B 142 3.07 4.82 2.86
N ASN B 143 2.94 4.25 4.06
CA ASN B 143 2.84 5.07 5.28
C ASN B 143 3.97 4.59 6.20
N GLY B 144 4.93 5.45 6.46
CA GLY B 144 6.13 5.07 7.19
C GLY B 144 6.92 6.22 7.78
N VAL B 145 8.26 6.03 7.89
CA VAL B 145 9.09 7.02 8.54
C VAL B 145 10.46 7.14 7.89
N VAL B 146 11.17 8.23 8.20
CA VAL B 146 12.54 8.45 7.71
C VAL B 146 13.44 8.18 8.91
N ILE B 147 14.35 7.20 8.79
CA ILE B 147 15.18 6.80 9.93
C ILE B 147 16.53 7.59 9.99
N LYS B 148 17.37 7.33 11.02
CA LYS B 148 18.66 7.99 11.23
C LYS B 148 19.48 8.22 9.97
N ASN B 149 19.79 7.17 9.18
CA ASN B 149 20.61 7.33 7.98
C ASN B 149 19.91 8.04 6.80
N GLY B 150 18.70 8.53 7.00
CA GLY B 150 17.95 9.23 5.96
C GLY B 150 17.13 8.36 5.04
N SER B 151 17.11 7.03 5.26
CA SER B 151 16.35 6.14 4.36
C SER B 151 14.89 5.97 4.83
N TYR B 152 14.02 5.64 3.88
CA TYR B 152 12.57 5.45 4.11
C TYR B 152 12.20 4.01 4.47
N VAL B 153 11.32 3.84 5.49
CA VAL B 153 10.87 2.53 5.86
C VAL B 153 9.33 2.61 5.99
N SER B 154 8.66 1.77 5.23
CA SER B 154 7.18 1.79 5.25
C SER B 154 6.58 0.76 6.20
N ALA B 155 5.48 1.05 6.93
CA ALA B 155 4.78 -0.02 7.64
C ALA B 155 4.15 -0.96 6.58
N ILE B 156 3.87 -2.21 6.97
CA ILE B 156 3.02 -3.10 6.20
C ILE B 156 1.61 -2.81 6.80
N THR B 157 0.82 -1.91 6.13
CA THR B 157 -0.45 -1.49 6.72
C THR B 157 -1.60 -2.39 6.27
N GLN B 158 -2.26 -3.08 7.23
CA GLN B 158 -3.37 -3.95 6.88
C GLN B 158 -4.64 -3.50 7.65
N GLY B 159 -5.77 -3.67 7.00
CA GLY B 159 -7.07 -3.35 7.55
C GLY B 159 -7.66 -4.54 8.28
N LYS B 160 -8.90 -4.37 8.71
CA LYS B 160 -9.61 -5.41 9.43
C LYS B 160 -10.79 -5.80 8.57
N ARG B 161 -10.97 -7.11 8.36
CA ARG B 161 -12.11 -7.59 7.59
C ARG B 161 -13.20 -7.87 8.63
N GLU B 162 -14.26 -7.03 8.67
CA GLU B 162 -15.39 -7.20 9.60
C GLU B 162 -16.16 -8.49 9.28
S DMS C . -13.24 15.05 -0.27
O DMS C . -13.61 13.70 0.29
C1 DMS C . -13.58 15.10 -2.04
C2 DMS C . -11.45 15.11 -0.53
N1 A1AJ6 D . 10.88 9.43 -0.19
C4 A1AJ6 D . 10.09 8.64 0.78
C5 A1AJ6 D . 9.07 7.78 0.06
O1 A1AJ6 D . 5.01 6.88 -2.02
S A1AJ6 D . 5.99 6.98 -0.98
O A1AJ6 D . 6.48 5.77 -0.40
C A1AJ6 D . 5.32 7.97 0.29
N A1AJ6 D . 7.26 7.77 -1.59
C1 A1AJ6 D . 8.15 8.64 -0.81
C3 A1AJ6 D . 10.00 10.33 -0.98
C2 A1AJ6 D . 8.97 9.51 -1.75
S DMS E . 0.23 10.52 6.00
O DMS E . -0.67 11.56 5.40
C1 DMS E . 0.65 9.39 4.67
C2 DMS E . -0.77 9.35 6.91
S DMS F . 8.91 0.49 -20.78
O DMS F . 10.10 -0.03 -20.03
C1 DMS F . 7.47 0.17 -19.77
C2 DMS F . 8.45 -0.75 -21.99
S SO4 G . 3.93 -17.35 3.22
O1 SO4 G . 4.78 -16.20 2.88
O2 SO4 G . 3.34 -17.17 4.56
O3 SO4 G . 2.85 -17.54 2.23
O4 SO4 G . 4.82 -18.53 3.23
S DMS H . 5.01 8.95 4.25
O DMS H . 5.06 7.53 4.69
C1 DMS H . 4.21 9.99 5.48
C2 DMS H . 3.69 9.20 3.03
#